data_4LWJ
#
_entry.id   4LWJ
#
_cell.length_a   80.356
_cell.length_b   80.356
_cell.length_c   66.942
_cell.angle_alpha   90.00
_cell.angle_beta   90.00
_cell.angle_gamma   120.00
#
_symmetry.space_group_name_H-M   'P 32 2 1'
#
loop_
_entity.id
_entity.type
_entity.pdbx_description
1 polymer 'Peptide methionine sulfoxide reductase MsrA'
2 non-polymer 'ACETATE ION'
3 non-polymer 'SULFATE ION'
4 water water
#
_entity_poly.entity_id   1
_entity_poly.type   'polypeptide(L)'
_entity_poly.pdbx_seq_one_letter_code
;MDTNQKLSIAVFALG(CSO)FWGPDAQFGSIKGVVSTRVGYAGGTTNNPSYYNLGDHSESIEIQYDANVITYGELLNIFW
NLHNPVYETTNRQYMSRIFYLDDGQKSEALEMKRQIEAANGEKIYTEIVPLENFYLAEGYHQKYYLQNTTKLYQTLKAIY
GGFGNLVRSTLAARMNGYIAGNLSIASLKEEMDLVELPEDQYEKVLSIVEEIKLEHHHHHH
;
_entity_poly.pdbx_strand_id   A
#
loop_
_chem_comp.id
_chem_comp.type
_chem_comp.name
_chem_comp.formula
ACT non-polymer 'ACETATE ION' 'C2 H3 O2 -1'
SO4 non-polymer 'SULFATE ION' 'O4 S -2'
#
# COMPACT_ATOMS: atom_id res chain seq x y z
N LYS A 6 -0.47 16.89 8.40
CA LYS A 6 0.45 16.73 7.27
C LYS A 6 1.28 15.46 7.40
N LEU A 7 1.28 14.64 6.35
CA LEU A 7 2.04 13.40 6.37
C LEU A 7 2.93 13.31 5.14
N SER A 8 3.88 12.38 5.15
CA SER A 8 4.79 12.25 4.04
C SER A 8 4.20 11.25 3.05
N ILE A 9 4.69 11.29 1.82
CA ILE A 9 4.11 10.48 0.76
C ILE A 9 5.20 9.74 -0.02
N ALA A 10 4.97 8.46 -0.24
CA ALA A 10 5.78 7.65 -1.14
C ALA A 10 4.82 7.07 -2.20
N VAL A 11 5.27 7.01 -3.45
CA VAL A 11 4.47 6.36 -4.50
C VAL A 11 5.35 5.34 -5.22
N PHE A 12 4.92 4.08 -5.19
CA PHE A 12 5.72 2.98 -5.75
C PHE A 12 4.88 2.21 -6.76
N ALA A 13 5.54 1.54 -7.71
CA ALA A 13 4.87 0.61 -8.61
C ALA A 13 5.67 -0.69 -8.61
N LEU A 14 4.99 -1.82 -8.41
CA LEU A 14 5.69 -3.11 -8.33
C LEU A 14 4.82 -4.30 -8.73
N GLY A 15 3.99 -4.10 -9.76
CA GLY A 15 3.08 -5.14 -10.19
C GLY A 15 1.64 -4.86 -9.80
N CSO A 16 0.81 -5.90 -9.78
CA CSO A 16 -0.60 -5.76 -9.34
CB CSO A 16 -1.23 -7.15 -9.20
SG CSO A 16 -2.92 -7.02 -8.48
C CSO A 16 -0.58 -5.07 -7.97
O CSO A 16 0.30 -5.43 -7.15
OD CSO A 16 -3.92 -6.65 -9.59
N PHE A 17 -1.42 -4.06 -7.78
CA PHE A 17 -1.34 -3.27 -6.56
C PHE A 17 -2.06 -3.82 -5.31
N TRP A 18 -2.80 -4.92 -5.45
CA TRP A 18 -3.51 -5.48 -4.29
C TRP A 18 -2.55 -5.94 -3.20
N GLY A 19 -1.54 -6.71 -3.59
CA GLY A 19 -0.55 -7.19 -2.64
C GLY A 19 0.18 -6.07 -1.92
N PRO A 20 0.77 -5.12 -2.67
CA PRO A 20 1.44 -3.99 -2.02
C PRO A 20 0.52 -3.22 -1.06
N ASP A 21 -0.76 -3.03 -1.43
CA ASP A 21 -1.70 -2.35 -0.55
C ASP A 21 -1.75 -3.10 0.79
N ALA A 22 -1.93 -4.42 0.71
CA ALA A 22 -2.05 -5.25 1.90
C ALA A 22 -0.73 -5.32 2.68
N GLN A 23 0.38 -5.36 1.96
CA GLN A 23 1.68 -5.46 2.60
C GLN A 23 2.06 -4.15 3.30
N PHE A 24 2.04 -3.04 2.56
CA PHE A 24 2.41 -1.75 3.16
C PHE A 24 1.41 -1.32 4.23
N GLY A 25 0.15 -1.69 4.03
CA GLY A 25 -0.91 -1.34 4.96
C GLY A 25 -0.76 -2.05 6.30
N SER A 26 0.09 -3.08 6.35
CA SER A 26 0.34 -3.80 7.59
C SER A 26 1.43 -3.19 8.46
N ILE A 27 2.09 -2.15 7.97
CA ILE A 27 3.30 -1.65 8.62
C ILE A 27 3.08 -0.43 9.50
N LYS A 28 3.54 -0.51 10.75
CA LYS A 28 3.50 0.64 11.66
C LYS A 28 4.17 1.87 11.06
N GLY A 29 3.48 3.01 11.10
CA GLY A 29 3.99 4.22 10.49
C GLY A 29 3.30 4.53 9.17
N VAL A 30 2.72 3.51 8.55
CA VAL A 30 1.90 3.74 7.36
C VAL A 30 0.49 4.13 7.83
N VAL A 31 0.13 5.39 7.58
CA VAL A 31 -1.12 5.94 8.10
C VAL A 31 -2.30 5.61 7.19
N SER A 32 -2.08 5.66 5.89
CA SER A 32 -3.12 5.27 4.95
C SER A 32 -2.51 4.89 3.62
N THR A 33 -3.26 4.13 2.85
CA THR A 33 -2.83 3.72 1.52
C THR A 33 -3.97 3.96 0.56
N ARG A 34 -3.62 4.16 -0.70
CA ARG A 34 -4.63 4.09 -1.76
C ARG A 34 -3.93 3.60 -3.00
N VAL A 35 -4.64 2.83 -3.82
CA VAL A 35 -4.03 2.32 -5.03
C VAL A 35 -4.53 3.12 -6.21
N GLY A 36 -3.72 3.15 -7.27
CA GLY A 36 -4.05 3.99 -8.40
C GLY A 36 -3.04 3.82 -9.51
N TYR A 37 -2.94 4.85 -10.35
CA TYR A 37 -2.19 4.74 -11.60
C TYR A 37 -1.26 5.94 -11.72
N ALA A 38 -0.01 5.69 -12.11
CA ALA A 38 0.99 6.75 -12.24
C ALA A 38 2.05 6.33 -13.24
N GLY A 39 2.78 7.29 -13.79
CA GLY A 39 3.92 6.97 -14.64
C GLY A 39 3.67 7.20 -16.11
N GLY A 40 2.39 7.39 -16.48
CA GLY A 40 2.01 7.54 -17.86
C GLY A 40 1.84 8.99 -18.23
N THR A 41 1.20 9.24 -19.38
CA THR A 41 1.09 10.58 -19.97
C THR A 41 -0.33 10.89 -20.41
N THR A 42 -1.31 10.24 -19.79
CA THR A 42 -2.72 10.48 -20.07
C THR A 42 -3.41 10.95 -18.81
N ASN A 43 -4.39 11.84 -18.94
CA ASN A 43 -5.13 12.30 -17.77
C ASN A 43 -6.29 11.36 -17.49
N ASN A 44 -6.56 11.16 -16.20
CA ASN A 44 -7.68 10.32 -15.75
C ASN A 44 -7.76 8.90 -16.34
N PRO A 45 -6.70 8.11 -16.16
CA PRO A 45 -6.71 6.73 -16.64
C PRO A 45 -7.64 5.88 -15.77
N SER A 46 -8.04 4.73 -16.29
CA SER A 46 -8.85 3.79 -15.53
C SER A 46 -8.33 2.39 -15.85
N TYR A 47 -8.87 1.36 -15.19
CA TYR A 47 -8.29 0.01 -15.23
C TYR A 47 -8.14 -0.56 -16.64
N TYR A 48 -9.18 -0.36 -17.45
CA TYR A 48 -9.20 -0.92 -18.81
C TYR A 48 -8.87 0.13 -19.86
N ASN A 49 -8.39 1.28 -19.38
CA ASN A 49 -7.97 2.37 -20.25
C ASN A 49 -6.79 3.07 -19.58
N LEU A 50 -5.68 2.34 -19.47
CA LEU A 50 -4.56 2.74 -18.63
C LEU A 50 -3.50 3.54 -19.35
N GLY A 51 -3.50 3.49 -20.68
CA GLY A 51 -2.43 4.07 -21.46
C GLY A 51 -1.07 3.53 -21.03
N ASP A 52 -0.19 4.45 -20.67
CA ASP A 52 1.18 4.11 -20.30
C ASP A 52 1.41 4.09 -18.79
N HIS A 53 0.33 4.14 -18.01
CA HIS A 53 0.46 4.21 -16.55
C HIS A 53 0.76 2.84 -15.95
N SER A 54 1.39 2.86 -14.78
CA SER A 54 1.65 1.64 -14.01
C SER A 54 0.69 1.55 -12.84
N GLU A 55 0.31 0.34 -12.46
CA GLU A 55 -0.43 0.13 -11.24
C GLU A 55 0.49 0.52 -10.09
N SER A 56 0.01 1.43 -9.24
CA SER A 56 0.87 2.07 -8.26
C SER A 56 0.19 2.10 -6.89
N ILE A 57 0.99 2.25 -5.84
CA ILE A 57 0.42 2.49 -4.52
C ILE A 57 0.90 3.82 -3.97
N GLU A 58 -0.04 4.60 -3.42
CA GLU A 58 0.33 5.79 -2.69
C GLU A 58 0.33 5.48 -1.20
N ILE A 59 1.46 5.72 -0.57
CA ILE A 59 1.63 5.42 0.85
C ILE A 59 1.77 6.74 1.60
N GLN A 60 0.82 7.00 2.48
CA GLN A 60 0.88 8.18 3.33
C GLN A 60 1.47 7.69 4.64
N TYR A 61 2.67 8.17 4.97
CA TYR A 61 3.35 7.64 6.15
C TYR A 61 3.74 8.76 7.09
N ASP A 62 3.94 8.40 8.36
CA ASP A 62 4.37 9.35 9.35
C ASP A 62 5.89 9.22 9.47
N ALA A 63 6.63 10.21 8.95
CA ALA A 63 8.09 10.18 8.95
C ALA A 63 8.70 10.20 10.36
N ASN A 64 7.89 10.49 11.37
CA ASN A 64 8.36 10.42 12.76
C ASN A 64 8.43 8.98 13.25
N VAL A 65 7.75 8.09 12.52
CA VAL A 65 7.61 6.70 12.91
C VAL A 65 8.36 5.75 11.98
N ILE A 66 8.28 6.01 10.67
CA ILE A 66 8.96 5.17 9.70
C ILE A 66 9.66 6.04 8.64
N THR A 67 10.82 5.62 8.17
CA THR A 67 11.57 6.43 7.19
C THR A 67 11.29 6.00 5.76
N TYR A 68 11.58 6.90 4.81
CA TYR A 68 11.53 6.53 3.40
C TYR A 68 12.41 5.31 3.12
N GLY A 69 13.60 5.25 3.74
CA GLY A 69 14.48 4.12 3.53
C GLY A 69 13.87 2.78 3.94
N GLU A 70 13.14 2.78 5.05
CA GLU A 70 12.45 1.57 5.47
C GLU A 70 11.40 1.14 4.45
N LEU A 71 10.71 2.11 3.87
CA LEU A 71 9.69 1.81 2.88
C LEU A 71 10.33 1.25 1.60
N LEU A 72 11.48 1.81 1.22
CA LEU A 72 12.23 1.30 0.07
C LEU A 72 12.69 -0.14 0.31
N ASN A 73 13.13 -0.43 1.52
CA ASN A 73 13.56 -1.78 1.86
C ASN A 73 12.41 -2.77 1.69
N ILE A 74 11.22 -2.37 2.16
CA ILE A 74 10.02 -3.18 2.00
C ILE A 74 9.69 -3.39 0.53
N PHE A 75 9.74 -2.30 -0.26
CA PHE A 75 9.50 -2.33 -1.69
C PHE A 75 10.35 -3.39 -2.40
N TRP A 76 11.65 -3.37 -2.14
CA TRP A 76 12.56 -4.31 -2.80
C TRP A 76 12.58 -5.70 -2.17
N ASN A 77 11.86 -5.87 -1.06
CA ASN A 77 11.66 -7.20 -0.49
C ASN A 77 10.35 -7.83 -0.97
N LEU A 78 9.48 -7.03 -1.59
CA LEU A 78 8.19 -7.55 -2.08
C LEU A 78 8.26 -8.08 -3.50
N HIS A 79 9.31 -7.71 -4.22
CA HIS A 79 9.50 -8.21 -5.57
C HIS A 79 10.99 -8.13 -5.87
N ASN A 80 11.45 -8.87 -6.87
CA ASN A 80 12.86 -8.83 -7.21
C ASN A 80 13.02 -8.47 -8.67
N PRO A 81 13.06 -7.16 -8.97
CA PRO A 81 12.98 -6.65 -10.34
C PRO A 81 14.31 -6.75 -11.08
N VAL A 82 14.72 -7.97 -11.39
CA VAL A 82 15.98 -8.21 -12.07
C VAL A 82 15.79 -8.50 -13.57
N TYR A 83 14.59 -8.21 -14.08
CA TYR A 83 14.26 -8.32 -15.51
C TYR A 83 13.89 -6.99 -16.06
N GLU A 84 14.22 -6.80 -17.33
CA GLU A 84 13.81 -5.62 -18.07
C GLU A 84 12.56 -6.00 -18.86
N THR A 85 11.41 -5.43 -18.50
CA THR A 85 10.20 -5.58 -19.33
C THR A 85 9.74 -4.22 -19.86
N THR A 86 8.86 -4.25 -20.84
CA THR A 86 8.24 -3.02 -21.34
C THR A 86 6.75 -3.00 -21.02
N ASN A 87 6.34 -3.85 -20.07
CA ASN A 87 4.94 -3.94 -19.66
C ASN A 87 4.61 -2.86 -18.64
N ARG A 88 4.27 -1.66 -19.14
CA ARG A 88 4.09 -0.49 -18.29
C ARG A 88 3.16 -0.73 -17.10
N GLN A 89 2.08 -1.47 -17.31
CA GLN A 89 1.09 -1.69 -16.27
C GLN A 89 1.68 -2.28 -14.99
N TYR A 90 2.69 -3.13 -15.17
CA TYR A 90 3.27 -3.90 -14.06
C TYR A 90 4.74 -3.60 -13.73
N MET A 91 5.30 -2.55 -14.32
CA MET A 91 6.72 -2.30 -14.19
C MET A 91 7.10 -1.81 -12.80
N SER A 92 8.32 -2.12 -12.41
CA SER A 92 8.90 -1.69 -11.15
C SER A 92 9.37 -0.24 -11.26
N ARG A 93 8.73 0.66 -10.50
CA ARG A 93 9.06 2.08 -10.53
C ARG A 93 9.00 2.68 -9.15
N ILE A 94 9.91 3.61 -8.88
CA ILE A 94 9.80 4.46 -7.71
C ILE A 94 9.58 5.87 -8.22
N PHE A 95 8.46 6.49 -7.84
CA PHE A 95 8.16 7.84 -8.27
C PHE A 95 8.54 8.79 -7.15
N TYR A 96 9.70 9.45 -7.28
CA TYR A 96 10.17 10.29 -6.18
C TYR A 96 9.45 11.63 -6.15
N LEU A 97 9.23 12.16 -4.95
CA LEU A 97 8.54 13.44 -4.83
C LEU A 97 9.53 14.59 -4.62
N ASP A 98 10.75 14.25 -4.25
CA ASP A 98 11.78 15.28 -4.03
C ASP A 98 13.17 14.69 -4.18
N ASP A 99 14.19 15.54 -4.14
CA ASP A 99 15.54 15.08 -4.44
C ASP A 99 16.10 14.16 -3.34
N GLY A 100 15.59 14.31 -2.12
CA GLY A 100 15.97 13.41 -1.03
C GLY A 100 15.50 12.00 -1.32
N GLN A 101 14.25 11.84 -1.74
CA GLN A 101 13.74 10.53 -2.11
C GLN A 101 14.52 9.93 -3.28
N LYS A 102 14.79 10.76 -4.28
CA LYS A 102 15.56 10.33 -5.44
C LYS A 102 16.93 9.78 -5.04
N SER A 103 17.65 10.52 -4.20
CA SER A 103 19.02 10.11 -3.86
C SER A 103 19.01 8.84 -3.00
N GLU A 104 18.03 8.74 -2.11
CA GLU A 104 17.91 7.56 -1.24
C GLU A 104 17.59 6.32 -2.08
N ALA A 105 16.70 6.47 -3.06
CA ALA A 105 16.35 5.34 -3.93
C ALA A 105 17.55 4.88 -4.76
N LEU A 106 18.26 5.85 -5.35
CA LEU A 106 19.43 5.56 -6.16
C LEU A 106 20.49 4.84 -5.35
N GLU A 107 20.74 5.31 -4.14
CA GLU A 107 21.76 4.71 -3.28
C GLU A 107 21.41 3.27 -2.88
N MET A 108 20.16 3.06 -2.45
CA MET A 108 19.74 1.72 -2.08
C MET A 108 19.75 0.76 -3.27
N LYS A 109 19.39 1.24 -4.45
CA LYS A 109 19.44 0.43 -5.66
C LYS A 109 20.89 -0.05 -5.91
N ARG A 110 21.83 0.89 -5.80
CA ARG A 110 23.26 0.57 -5.92
C ARG A 110 23.71 -0.51 -4.93
N GLN A 111 23.28 -0.39 -3.68
CA GLN A 111 23.66 -1.35 -2.63
C GLN A 111 23.08 -2.74 -2.84
N ILE A 112 21.83 -2.80 -3.31
CA ILE A 112 21.22 -4.07 -3.67
C ILE A 112 21.96 -4.76 -4.82
N GLU A 113 22.34 -3.97 -5.83
CA GLU A 113 23.04 -4.51 -6.99
C GLU A 113 24.41 -5.05 -6.57
N ALA A 114 25.07 -4.34 -5.65
CA ALA A 114 26.37 -4.76 -5.16
C ALA A 114 26.28 -5.99 -4.27
N ALA A 115 25.30 -6.02 -3.38
CA ALA A 115 25.16 -7.10 -2.41
C ALA A 115 24.81 -8.44 -3.04
N ASN A 116 24.04 -8.40 -4.12
CA ASN A 116 23.47 -9.62 -4.68
C ASN A 116 23.89 -9.90 -6.12
N GLY A 117 24.69 -9.00 -6.69
CA GLY A 117 25.35 -9.24 -7.97
C GLY A 117 24.48 -9.14 -9.21
N GLU A 118 23.28 -8.61 -9.06
CA GLU A 118 22.34 -8.53 -10.19
C GLU A 118 21.86 -7.11 -10.45
N LYS A 119 21.80 -6.75 -11.73
CA LYS A 119 21.22 -5.47 -12.11
C LYS A 119 19.74 -5.40 -11.73
N ILE A 120 19.36 -4.27 -11.14
CA ILE A 120 17.98 -4.00 -10.76
C ILE A 120 17.36 -3.09 -11.82
N TYR A 121 16.18 -3.41 -12.30
CA TYR A 121 15.60 -2.63 -13.39
C TYR A 121 14.53 -1.63 -12.98
N THR A 122 14.33 -1.47 -11.67
CA THR A 122 13.42 -0.43 -11.18
C THR A 122 13.79 0.95 -11.73
N GLU A 123 12.82 1.62 -12.33
CA GLU A 123 13.02 2.98 -12.83
C GLU A 123 12.79 3.94 -11.67
N ILE A 124 13.74 4.85 -11.44
CA ILE A 124 13.56 5.88 -10.42
C ILE A 124 13.31 7.20 -11.16
N VAL A 125 12.04 7.64 -11.12
CA VAL A 125 11.56 8.73 -11.98
C VAL A 125 10.75 9.74 -11.18
N PRO A 126 10.67 10.99 -11.66
CA PRO A 126 9.90 11.97 -10.88
C PRO A 126 8.41 11.68 -10.89
N LEU A 127 7.75 11.83 -9.74
CA LEU A 127 6.31 11.68 -9.71
C LEU A 127 5.69 12.84 -10.49
N GLU A 128 4.85 12.52 -11.47
CA GLU A 128 4.07 13.53 -12.15
C GLU A 128 2.69 13.58 -11.48
N ASN A 129 1.69 12.93 -12.06
CA ASN A 129 0.36 12.84 -11.46
C ASN A 129 0.00 11.42 -11.01
N PHE A 130 -0.56 11.29 -9.80
CA PHE A 130 -1.12 10.01 -9.36
C PHE A 130 -2.64 10.08 -9.48
N TYR A 131 -3.24 9.05 -10.06
CA TYR A 131 -4.68 9.02 -10.22
C TYR A 131 -5.26 7.85 -9.47
N LEU A 132 -6.19 8.14 -8.56
CA LEU A 132 -6.85 7.13 -7.74
C LEU A 132 -7.56 6.07 -8.59
N ALA A 133 -7.38 4.80 -8.23
CA ALA A 133 -8.05 3.70 -8.93
C ALA A 133 -9.51 3.57 -8.47
N GLU A 134 -10.27 2.76 -9.23
CA GLU A 134 -11.68 2.53 -8.96
C GLU A 134 -11.90 2.01 -7.54
N GLY A 135 -13.06 2.31 -6.96
CA GLY A 135 -13.38 1.90 -5.60
C GLY A 135 -13.18 0.42 -5.33
N TYR A 136 -13.57 -0.41 -6.29
CA TYR A 136 -13.51 -1.86 -6.10
C TYR A 136 -12.08 -2.41 -5.95
N HIS A 137 -11.08 -1.60 -6.32
CA HIS A 137 -9.68 -1.99 -6.16
C HIS A 137 -9.11 -1.64 -4.78
N GLN A 138 -9.76 -0.75 -4.06
CA GLN A 138 -9.21 -0.26 -2.78
C GLN A 138 -9.43 -1.27 -1.67
N LYS A 139 -8.42 -1.47 -0.83
CA LYS A 139 -8.48 -2.42 0.28
C LYS A 139 -9.13 -3.73 -0.18
N TYR A 140 -8.61 -4.25 -1.28
CA TYR A 140 -9.24 -5.32 -2.06
C TYR A 140 -9.65 -6.55 -1.23
N TYR A 141 -8.77 -7.02 -0.37
CA TYR A 141 -9.07 -8.24 0.38
C TYR A 141 -10.15 -7.99 1.42
N LEU A 142 -10.03 -6.87 2.14
CA LEU A 142 -11.04 -6.49 3.12
C LEU A 142 -12.41 -6.31 2.46
N GLN A 143 -12.42 -5.58 1.34
CA GLN A 143 -13.68 -5.26 0.67
C GLN A 143 -14.43 -6.52 0.25
N ASN A 144 -13.69 -7.59 0.01
CA ASN A 144 -14.29 -8.85 -0.40
C ASN A 144 -14.46 -9.86 0.74
N THR A 145 -14.29 -9.37 1.96
CA THR A 145 -14.62 -10.11 3.18
C THR A 145 -15.88 -9.47 3.76
N THR A 146 -17.02 -9.91 3.25
CA THR A 146 -18.27 -9.14 3.33
C THR A 146 -18.72 -8.71 4.73
N LYS A 147 -18.77 -9.64 5.68
CA LYS A 147 -19.26 -9.30 7.01
C LYS A 147 -18.35 -8.30 7.72
N LEU A 148 -17.04 -8.54 7.68
CA LEU A 148 -16.08 -7.63 8.29
C LEU A 148 -16.12 -6.27 7.61
N TYR A 149 -16.17 -6.28 6.28
CA TYR A 149 -16.20 -5.06 5.47
C TYR A 149 -17.43 -4.21 5.81
N GLN A 150 -18.61 -4.82 5.85
CA GLN A 150 -19.83 -4.06 6.10
C GLN A 150 -19.86 -3.50 7.52
N THR A 151 -19.32 -4.26 8.46
CA THR A 151 -19.28 -3.84 9.85
C THR A 151 -18.35 -2.65 10.04
N LEU A 152 -17.16 -2.73 9.48
CA LEU A 152 -16.20 -1.63 9.57
C LEU A 152 -16.68 -0.41 8.77
N LYS A 153 -17.31 -0.66 7.63
CA LYS A 153 -17.79 0.46 6.82
C LYS A 153 -18.83 1.30 7.57
N ALA A 154 -19.75 0.61 8.24
CA ALA A 154 -20.78 1.32 9.03
C ALA A 154 -20.13 2.11 10.17
N ILE A 155 -19.18 1.48 10.86
CA ILE A 155 -18.48 2.12 11.97
C ILE A 155 -17.72 3.38 11.52
N TYR A 156 -17.11 3.30 10.33
CA TYR A 156 -16.33 4.44 9.83
C TYR A 156 -17.16 5.48 9.08
N GLY A 157 -18.44 5.20 8.87
CA GLY A 157 -19.31 6.18 8.25
C GLY A 157 -19.32 6.16 6.72
N GLY A 158 -18.93 5.04 6.14
CA GLY A 158 -19.02 4.90 4.70
C GLY A 158 -17.74 4.47 4.03
N PHE A 159 -17.82 4.22 2.73
CA PHE A 159 -16.71 3.65 1.98
C PHE A 159 -15.44 4.51 1.99
N GLY A 160 -15.58 5.78 1.62
CA GLY A 160 -14.43 6.68 1.57
C GLY A 160 -13.70 6.81 2.89
N ASN A 161 -14.46 7.01 3.97
CA ASN A 161 -13.84 7.10 5.30
C ASN A 161 -13.12 5.82 5.67
N LEU A 162 -13.73 4.68 5.37
CA LEU A 162 -13.13 3.39 5.70
C LEU A 162 -11.80 3.22 4.96
N VAL A 163 -11.81 3.39 3.65
CA VAL A 163 -10.59 3.09 2.90
C VAL A 163 -9.45 4.05 3.19
N ARG A 164 -9.76 5.24 3.69
CA ARG A 164 -8.71 6.21 4.05
C ARG A 164 -8.13 5.96 5.43
N SER A 165 -8.74 5.05 6.19
CA SER A 165 -8.34 4.85 7.58
C SER A 165 -7.11 3.96 7.76
N THR A 166 -6.43 4.16 8.88
CA THR A 166 -5.35 3.26 9.26
C THR A 166 -5.87 1.86 9.58
N LEU A 167 -6.96 1.77 10.33
CA LEU A 167 -7.45 0.44 10.71
C LEU A 167 -7.82 -0.41 9.49
N ALA A 168 -8.38 0.20 8.45
CA ALA A 168 -8.73 -0.56 7.25
C ALA A 168 -7.48 -1.08 6.56
N ALA A 169 -6.43 -0.27 6.56
CA ALA A 169 -5.17 -0.69 5.95
C ALA A 169 -4.63 -1.93 6.69
N ARG A 170 -4.70 -1.88 8.02
CA ARG A 170 -4.23 -3.00 8.85
C ARG A 170 -5.12 -4.22 8.69
N MET A 171 -6.44 -4.01 8.63
CA MET A 171 -7.40 -5.10 8.47
C MET A 171 -7.22 -5.80 7.12
N ASN A 172 -6.99 -5.02 6.08
CA ASN A 172 -6.75 -5.56 4.75
C ASN A 172 -5.49 -6.43 4.81
N GLY A 173 -4.46 -5.92 5.49
CA GLY A 173 -3.22 -6.67 5.68
C GLY A 173 -3.44 -7.98 6.43
N TYR A 174 -4.24 -7.93 7.48
CA TYR A 174 -4.60 -9.12 8.23
C TYR A 174 -5.26 -10.19 7.35
N ILE A 175 -6.26 -9.80 6.57
CA ILE A 175 -6.94 -10.73 5.67
C ILE A 175 -5.97 -11.39 4.68
N ALA A 176 -5.02 -10.61 4.19
CA ALA A 176 -4.05 -11.09 3.20
C ALA A 176 -2.97 -11.97 3.81
N GLY A 177 -2.92 -12.00 5.14
CA GLY A 177 -1.96 -12.84 5.84
C GLY A 177 -0.66 -12.14 6.22
N ASN A 178 -0.67 -10.80 6.20
CA ASN A 178 0.54 -10.01 6.44
C ASN A 178 0.59 -9.36 7.82
N LEU A 179 -0.43 -9.62 8.64
CA LEU A 179 -0.48 -9.02 9.97
C LEU A 179 -1.06 -10.07 10.91
N SER A 180 -0.43 -10.28 12.07
CA SER A 180 -0.94 -11.27 13.02
C SER A 180 -2.20 -10.75 13.72
N ILE A 181 -3.02 -11.65 14.23
CA ILE A 181 -4.22 -11.23 14.96
C ILE A 181 -3.83 -10.48 16.24
N ALA A 182 -2.69 -10.84 16.82
CA ALA A 182 -2.21 -10.15 18.01
C ALA A 182 -1.89 -8.70 17.70
N SER A 183 -1.24 -8.47 16.56
CA SER A 183 -0.92 -7.12 16.14
C SER A 183 -2.18 -6.36 15.75
N LEU A 184 -3.10 -7.07 15.11
CA LEU A 184 -4.37 -6.46 14.70
C LEU A 184 -5.18 -5.98 15.92
N LYS A 185 -5.21 -6.77 16.99
CA LYS A 185 -5.95 -6.37 18.18
C LYS A 185 -5.38 -5.09 18.81
N GLU A 186 -4.05 -4.95 18.79
CA GLU A 186 -3.41 -3.73 19.28
C GLU A 186 -3.83 -2.54 18.43
N GLU A 187 -3.95 -2.73 17.12
CA GLU A 187 -4.38 -1.67 16.21
C GLU A 187 -5.82 -1.29 16.49
N MET A 188 -6.65 -2.29 16.77
CA MET A 188 -8.06 -2.06 17.11
C MET A 188 -8.17 -1.22 18.37
N ASP A 189 -7.33 -1.53 19.36
CA ASP A 189 -7.30 -0.78 20.60
C ASP A 189 -7.02 0.71 20.39
N LEU A 190 -6.17 1.02 19.41
CA LEU A 190 -5.78 2.41 19.13
C LEU A 190 -6.97 3.28 18.73
N VAL A 191 -7.97 2.67 18.10
CA VAL A 191 -9.10 3.41 17.55
C VAL A 191 -10.12 3.73 18.64
N GLU A 192 -9.98 3.08 19.80
CA GLU A 192 -10.84 3.33 20.96
C GLU A 192 -12.32 3.18 20.61
N LEU A 193 -12.68 2.01 20.11
CA LEU A 193 -14.06 1.71 19.77
C LEU A 193 -14.86 1.50 21.06
N PRO A 194 -16.16 1.83 21.02
CA PRO A 194 -17.04 1.42 22.11
C PRO A 194 -16.93 -0.10 22.22
N GLU A 195 -16.99 -0.62 23.45
CA GLU A 195 -16.66 -2.02 23.69
C GLU A 195 -17.52 -3.02 22.92
N ASP A 196 -18.77 -2.66 22.65
CA ASP A 196 -19.65 -3.54 21.88
C ASP A 196 -19.12 -3.70 20.46
N GLN A 197 -18.76 -2.60 19.81
CA GLN A 197 -18.22 -2.63 18.45
C GLN A 197 -16.88 -3.35 18.42
N TYR A 198 -16.04 -3.12 19.43
CA TYR A 198 -14.77 -3.82 19.55
C TYR A 198 -15.02 -5.33 19.60
N GLU A 199 -15.96 -5.75 20.44
CA GLU A 199 -16.25 -7.17 20.60
C GLU A 199 -16.89 -7.78 19.34
N LYS A 200 -17.72 -7.00 18.66
CA LYS A 200 -18.34 -7.45 17.42
C LYS A 200 -17.30 -7.63 16.29
N VAL A 201 -16.39 -6.67 16.14
CA VAL A 201 -15.32 -6.79 15.14
C VAL A 201 -14.36 -7.92 15.51
N LEU A 202 -13.99 -8.00 16.79
CA LEU A 202 -13.08 -9.04 17.26
C LEU A 202 -13.62 -10.44 16.96
N SER A 203 -14.90 -10.66 17.18
CA SER A 203 -15.50 -11.97 16.89
C SER A 203 -15.40 -12.36 15.42
N ILE A 204 -15.58 -11.40 14.52
CA ILE A 204 -15.41 -11.65 13.09
C ILE A 204 -13.95 -11.98 12.77
N VAL A 205 -13.04 -11.18 13.33
CA VAL A 205 -11.61 -11.35 13.13
C VAL A 205 -11.15 -12.70 13.68
N GLU A 206 -11.66 -13.05 14.86
CA GLU A 206 -11.30 -14.32 15.48
C GLU A 206 -11.85 -15.50 14.67
N GLU A 207 -13.11 -15.39 14.25
CA GLU A 207 -13.75 -16.42 13.45
C GLU A 207 -13.05 -16.57 12.11
N ILE A 208 -12.43 -15.49 11.62
CA ILE A 208 -11.60 -15.56 10.42
C ILE A 208 -10.31 -16.34 10.70
N LYS A 209 -9.66 -16.08 11.83
CA LYS A 209 -8.48 -16.85 12.20
C LYS A 209 -8.89 -18.29 12.56
N LEU A 210 -10.12 -18.42 13.03
CA LEU A 210 -10.76 -19.69 13.41
C LEU A 210 -10.38 -20.20 14.79
C ACT B . -0.25 -10.18 -0.45
O ACT B . 0.95 -10.39 -0.82
OXT ACT B . -0.41 -9.35 0.49
CH3 ACT B . -1.41 -10.80 -1.14
S SO4 C . -8.03 5.32 12.04
O1 SO4 C . -9.22 5.83 12.72
O2 SO4 C . -8.22 3.90 11.82
O3 SO4 C . -7.85 6.05 10.77
O4 SO4 C . -6.84 5.53 12.87
#